data_7W07
#
_entry.id   7W07
#
_cell.length_a   86.772
_cell.length_b   52.579
_cell.length_c   49.183
_cell.angle_alpha   90.000
_cell.angle_beta   123.320
_cell.angle_gamma   90.000
#
_symmetry.space_group_name_H-M   'C 1 2 1'
#
loop_
_entity.id
_entity.type
_entity.pdbx_description
1 polymer 'Transcriptional regulator, LysR family'
2 non-polymer '2-methylidenebutanedioic acid'
3 non-polymer 'SULFATE ION'
4 water water
#
_entity_poly.entity_id   1
_entity_poly.type   'polypeptide(L)'
_entity_poly.pdbx_seq_one_letter_code
;MELRHIRYFLAVAEERHFTRAAARLGIGQPPLSQQIKDLERELGALLFRRVSYGAELTEAGIAFLDVVKEIPVMAERATQ
AAQRAVRGELGVLRVGFTASSAFNSVVPTAIRAFRRAYPDVRLQLEEDNTTRLADGLNEGSLDVAFLRPGFAGSERFHLR
MLSEEPMMIVMAENHPAASYEEISLSAFRDETFLLFPREIGLTLYDSVIESCRTAGFEPTIGQLAPQIASVINLVAAEMG
VSIVPASMSQVKVIGVVYRHIADQTPTAKLALAYRRGDTSPVLRNFVLTVFP
;
_entity_poly.pdbx_strand_id   A
#
loop_
_chem_comp.id
_chem_comp.type
_chem_comp.name
_chem_comp.formula
ITN non-polymer '2-methylidenebutanedioic acid' 'C5 H6 O4'
SO4 non-polymer 'SULFATE ION' 'O4 S -2'
#
# COMPACT_ATOMS: atom_id res chain seq x y z
N GLY A 88 -25.36 -16.92 -0.35
CA GLY A 88 -24.77 -15.65 -0.79
C GLY A 88 -24.12 -15.83 -2.15
N GLU A 89 -24.86 -16.41 -3.08
CA GLU A 89 -24.35 -16.69 -4.45
C GLU A 89 -24.79 -15.58 -5.40
N LEU A 90 -25.68 -14.73 -4.95
CA LEU A 90 -26.24 -13.60 -5.72
C LEU A 90 -26.05 -12.35 -4.86
N GLY A 91 -25.92 -11.20 -5.50
CA GLY A 91 -25.84 -9.96 -4.75
C GLY A 91 -24.68 -9.13 -5.21
N VAL A 92 -24.35 -8.14 -4.42
CA VAL A 92 -23.24 -7.25 -4.74
C VAL A 92 -22.36 -7.11 -3.51
N LEU A 93 -21.05 -7.09 -3.74
CA LEU A 93 -20.08 -6.85 -2.68
C LEU A 93 -19.27 -5.63 -3.06
N ARG A 94 -19.13 -4.70 -2.12
CA ARG A 94 -18.37 -3.47 -2.34
C ARG A 94 -16.98 -3.68 -1.77
N VAL A 95 -15.97 -3.70 -2.65
CA VAL A 95 -14.60 -4.09 -2.32
C VAL A 95 -13.68 -2.91 -2.56
N GLY A 96 -12.99 -2.49 -1.51
CA GLY A 96 -12.02 -1.42 -1.64
C GLY A 96 -10.58 -1.87 -1.56
N PHE A 97 -9.68 -1.10 -2.15
CA PHE A 97 -8.25 -1.38 -2.02
C PHE A 97 -7.49 -0.09 -2.29
N THR A 98 -6.27 -0.01 -1.76
CA THR A 98 -5.48 1.20 -2.02
C THR A 98 -4.84 1.12 -3.41
N ALA A 99 -4.50 2.29 -3.94
CA ALA A 99 -3.95 2.31 -5.30
C ALA A 99 -2.67 1.47 -5.41
N SER A 100 -1.78 1.57 -4.41
CA SER A 100 -0.57 0.78 -4.49
C SER A 100 -0.85 -0.70 -4.26
N SER A 101 -1.84 -1.02 -3.42
CA SER A 101 -2.13 -2.41 -3.10
C SER A 101 -2.53 -3.21 -4.33
N ALA A 102 -3.09 -2.55 -5.36
CA ALA A 102 -3.49 -3.30 -6.55
C ALA A 102 -2.30 -3.92 -7.26
N PHE A 103 -1.10 -3.34 -7.09
CA PHE A 103 0.13 -3.86 -7.68
C PHE A 103 0.67 -5.06 -6.94
N ASN A 104 0.15 -5.36 -5.75
CA ASN A 104 0.50 -6.59 -5.05
C ASN A 104 -0.38 -7.70 -5.61
N SER A 105 0.25 -8.82 -6.00
CA SER A 105 -0.46 -9.89 -6.70
C SER A 105 -1.69 -10.38 -5.94
N VAL A 106 -1.71 -10.28 -4.61
CA VAL A 106 -2.82 -10.84 -3.83
C VAL A 106 -4.14 -10.19 -4.20
N VAL A 107 -4.13 -8.92 -4.61
CA VAL A 107 -5.38 -8.24 -4.90
C VAL A 107 -6.05 -8.74 -6.18
N PRO A 108 -5.38 -8.70 -7.35
CA PRO A 108 -6.02 -9.30 -8.54
C PRO A 108 -6.26 -10.79 -8.40
N THR A 109 -5.36 -11.50 -7.73
CA THR A 109 -5.56 -12.93 -7.51
C THR A 109 -6.88 -13.20 -6.76
N ALA A 110 -7.12 -12.44 -5.69
CA ALA A 110 -8.34 -12.64 -4.91
C ALA A 110 -9.57 -12.24 -5.70
N ILE A 111 -9.52 -11.09 -6.39
CA ILE A 111 -10.67 -10.65 -7.18
C ILE A 111 -11.03 -11.69 -8.24
N ARG A 112 -10.02 -12.19 -8.98
CA ARG A 112 -10.30 -13.17 -10.02
C ARG A 112 -10.85 -14.46 -9.44
N ALA A 113 -10.22 -14.96 -8.38
CA ALA A 113 -10.71 -16.18 -7.74
C ALA A 113 -12.16 -16.04 -7.30
N PHE A 114 -12.52 -14.90 -6.70
CA PHE A 114 -13.90 -14.74 -6.24
C PHE A 114 -14.87 -14.66 -7.42
N ARG A 115 -14.48 -13.93 -8.47
CA ARG A 115 -15.35 -13.80 -9.63
C ARG A 115 -15.62 -15.15 -10.29
N ARG A 116 -14.63 -16.04 -10.28
CA ARG A 116 -14.83 -17.36 -10.88
C ARG A 116 -15.69 -18.25 -9.99
N ALA A 117 -15.50 -18.17 -8.67
CA ALA A 117 -16.24 -19.03 -7.75
C ALA A 117 -17.68 -18.55 -7.55
N TYR A 118 -17.92 -17.26 -7.68
CA TYR A 118 -19.24 -16.66 -7.47
C TYR A 118 -19.56 -15.69 -8.59
N PRO A 119 -19.82 -16.19 -9.81
CA PRO A 119 -20.04 -15.29 -10.94
C PRO A 119 -21.26 -14.40 -10.83
N ASP A 120 -22.25 -14.79 -10.02
CA ASP A 120 -23.47 -14.03 -9.88
C ASP A 120 -23.38 -12.94 -8.80
N VAL A 121 -22.25 -12.81 -8.13
CA VAL A 121 -22.02 -11.73 -7.19
C VAL A 121 -21.27 -10.63 -7.93
N ARG A 122 -21.89 -9.47 -8.04
CA ARG A 122 -21.26 -8.32 -8.68
C ARG A 122 -20.26 -7.71 -7.71
N LEU A 123 -19.04 -7.50 -8.18
CA LEU A 123 -18.02 -6.80 -7.40
C LEU A 123 -18.03 -5.33 -7.82
N GLN A 124 -18.29 -4.46 -6.87
CA GLN A 124 -18.14 -3.03 -7.08
C GLN A 124 -16.81 -2.63 -6.45
N LEU A 125 -15.86 -2.22 -7.29
CA LEU A 125 -14.50 -1.96 -6.84
C LEU A 125 -14.29 -0.47 -6.59
N GLU A 126 -13.64 -0.15 -5.47
CA GLU A 126 -13.29 1.21 -5.09
C GLU A 126 -11.81 1.27 -4.76
N GLU A 127 -11.14 2.30 -5.28
CA GLU A 127 -9.72 2.47 -5.04
C GLU A 127 -9.54 3.74 -4.21
N ASP A 128 -9.09 3.57 -2.97
CA ASP A 128 -8.88 4.71 -2.08
C ASP A 128 -7.93 4.28 -0.98
N ASN A 129 -7.45 5.29 -0.25
CA ASN A 129 -6.41 5.05 0.74
C ASN A 129 -7.02 4.52 2.02
N THR A 130 -6.14 4.02 2.90
CA THR A 130 -6.57 3.32 4.11
C THR A 130 -7.51 4.16 4.97
N THR A 131 -7.22 5.45 5.14
CA THR A 131 -8.12 6.28 5.93
C THR A 131 -9.54 6.22 5.39
N ARG A 132 -9.68 6.40 4.08
CA ARG A 132 -11.01 6.41 3.46
C ARG A 132 -11.64 5.02 3.47
N LEU A 133 -10.84 3.98 3.23
CA LEU A 133 -11.37 2.63 3.24
C LEU A 133 -11.93 2.26 4.62
N ALA A 134 -11.18 2.62 5.68
CA ALA A 134 -11.66 2.33 7.04
C ALA A 134 -12.97 3.07 7.31
N ASP A 135 -13.06 4.34 6.92
CA ASP A 135 -14.30 5.07 7.09
C ASP A 135 -15.42 4.43 6.28
N GLY A 136 -15.12 3.98 5.06
CA GLY A 136 -16.13 3.32 4.25
C GLY A 136 -16.65 2.05 4.91
N LEU A 137 -15.75 1.24 5.47
CA LEU A 137 -16.20 0.07 6.21
C LEU A 137 -17.06 0.49 7.39
N ASN A 138 -16.66 1.54 8.09
CA ASN A 138 -17.39 1.93 9.30
C ASN A 138 -18.81 2.41 8.96
N GLU A 139 -18.96 3.15 7.86
CA GLU A 139 -20.24 3.72 7.47
C GLU A 139 -21.09 2.77 6.63
N GLY A 140 -20.55 1.60 6.27
CA GLY A 140 -21.30 0.64 5.48
C GLY A 140 -21.30 0.88 3.99
N SER A 141 -20.45 1.78 3.48
CA SER A 141 -20.36 1.98 2.04
C SER A 141 -19.37 1.02 1.39
N LEU A 142 -18.61 0.28 2.19
CA LEU A 142 -17.76 -0.79 1.72
C LEU A 142 -18.05 -2.01 2.57
N ASP A 143 -17.89 -3.19 1.97
CA ASP A 143 -18.08 -4.44 2.69
C ASP A 143 -16.78 -5.08 3.12
N VAL A 144 -15.71 -4.88 2.36
CA VAL A 144 -14.42 -5.48 2.65
C VAL A 144 -13.37 -4.63 1.96
N ALA A 145 -12.16 -4.59 2.53
CA ALA A 145 -11.11 -3.75 1.98
C ALA A 145 -9.75 -4.44 2.11
N PHE A 146 -8.89 -4.20 1.11
CA PHE A 146 -7.47 -4.52 1.20
C PHE A 146 -6.79 -3.22 1.61
N LEU A 147 -6.38 -3.13 2.87
CA LEU A 147 -5.87 -1.88 3.44
C LEU A 147 -4.63 -2.16 4.27
N ARG A 148 -4.03 -1.10 4.78
CA ARG A 148 -2.82 -1.28 5.55
C ARG A 148 -3.18 -1.31 7.02
N PRO A 149 -2.80 -2.34 7.75
CA PRO A 149 -3.23 -2.47 9.15
C PRO A 149 -2.51 -1.47 10.04
N GLY A 150 -3.10 -1.24 11.22
CA GLY A 150 -2.46 -0.44 12.25
C GLY A 150 -3.15 0.86 12.55
N PHE A 151 -4.17 1.24 11.79
CA PHE A 151 -4.78 2.55 11.98
C PHE A 151 -5.53 2.61 13.31
N ALA A 152 -5.72 3.84 13.79
CA ALA A 152 -6.52 4.05 15.00
C ALA A 152 -7.91 3.47 14.80
N GLY A 153 -8.37 2.69 15.78
CA GLY A 153 -9.67 2.07 15.71
C GLY A 153 -9.72 0.78 14.94
N SER A 154 -8.58 0.30 14.44
CA SER A 154 -8.56 -0.93 13.66
C SER A 154 -9.10 -2.12 14.45
N GLU A 155 -9.01 -2.08 15.78
CA GLU A 155 -9.53 -3.20 16.58
C GLU A 155 -11.04 -3.36 16.46
N ARG A 156 -11.74 -2.37 15.90
CA ARG A 156 -13.18 -2.48 15.67
C ARG A 156 -13.51 -3.35 14.47
N PHE A 157 -12.52 -3.72 13.66
CA PHE A 157 -12.71 -4.54 12.48
C PHE A 157 -11.93 -5.83 12.62
N HIS A 158 -12.27 -6.81 11.79
CA HIS A 158 -11.40 -7.96 11.56
C HIS A 158 -10.32 -7.56 10.56
N LEU A 159 -9.08 -7.91 10.87
CA LEU A 159 -7.94 -7.69 9.99
C LEU A 159 -7.20 -9.01 9.86
N ARG A 160 -7.09 -9.50 8.63
CA ARG A 160 -6.36 -10.74 8.35
C ARG A 160 -5.21 -10.40 7.42
N MET A 161 -3.98 -10.64 7.88
CA MET A 161 -2.82 -10.31 7.06
C MET A 161 -2.80 -11.12 5.77
N LEU A 162 -2.52 -10.45 4.67
CA LEU A 162 -2.48 -11.06 3.35
C LEU A 162 -1.11 -11.00 2.71
N SER A 163 -0.35 -9.93 2.92
CA SER A 163 0.98 -9.84 2.35
C SER A 163 1.82 -8.88 3.18
N GLU A 164 3.07 -9.25 3.39
CA GLU A 164 4.08 -8.35 3.90
C GLU A 164 5.22 -8.35 2.90
N GLU A 165 5.63 -7.16 2.47
CA GLU A 165 6.67 -7.08 1.47
C GLU A 165 7.69 -6.05 1.93
N PRO A 166 8.96 -6.19 1.53
CA PRO A 166 9.95 -5.18 1.87
C PRO A 166 9.60 -3.85 1.20
N MET A 167 10.15 -2.80 1.77
CA MET A 167 10.05 -1.48 1.15
C MET A 167 11.36 -1.23 0.40
N MET A 168 11.28 -0.54 -0.72
CA MET A 168 12.43 -0.22 -1.58
C MET A 168 12.57 1.28 -1.77
N ILE A 169 13.77 1.69 -2.12
CA ILE A 169 14.01 3.11 -2.46
C ILE A 169 13.70 3.26 -3.93
N VAL A 170 13.01 4.32 -4.29
CA VAL A 170 12.86 4.68 -5.71
C VAL A 170 13.62 6.01 -5.89
N MET A 171 14.46 6.06 -6.92
CA MET A 171 15.24 7.30 -7.16
C MET A 171 15.43 7.49 -8.66
N ALA A 172 15.85 8.70 -9.02
CA ALA A 172 16.18 8.94 -10.42
C ALA A 172 17.40 8.12 -10.84
N GLU A 173 17.40 7.71 -12.11
CA GLU A 173 18.46 6.84 -12.62
C GLU A 173 19.83 7.47 -12.45
N ASN A 174 19.91 8.79 -12.48
CA ASN A 174 21.18 9.50 -12.35
C ASN A 174 21.51 9.92 -10.92
N HIS A 175 20.75 9.46 -9.93
CA HIS A 175 21.09 9.79 -8.56
C HIS A 175 22.43 9.16 -8.22
N PRO A 176 23.28 9.85 -7.44
CA PRO A 176 24.59 9.26 -7.10
C PRO A 176 24.50 7.90 -6.43
N ALA A 177 23.47 7.65 -5.61
CA ALA A 177 23.38 6.35 -4.94
C ALA A 177 22.99 5.24 -5.88
N ALA A 178 22.53 5.56 -7.10
CA ALA A 178 22.13 4.51 -8.02
C ALA A 178 23.33 3.67 -8.46
N SER A 179 24.54 4.17 -8.29
CA SER A 179 25.75 3.43 -8.63
C SER A 179 26.26 2.57 -7.49
N TYR A 180 25.60 2.58 -6.33
CA TYR A 180 26.13 1.90 -5.15
C TYR A 180 25.81 0.41 -5.23
N GLU A 181 26.76 -0.40 -4.76
CA GLU A 181 26.55 -1.83 -4.70
C GLU A 181 25.53 -2.19 -3.62
N GLU A 182 25.53 -1.46 -2.52
CA GLU A 182 24.55 -1.62 -1.45
C GLU A 182 24.01 -0.25 -1.05
N ILE A 183 22.70 -0.17 -0.84
CA ILE A 183 21.99 1.08 -0.61
C ILE A 183 21.63 1.17 0.86
N SER A 184 22.19 2.14 1.57
CA SER A 184 21.78 2.42 2.94
C SER A 184 21.02 3.73 2.98
N LEU A 185 20.05 3.81 3.89
CA LEU A 185 19.20 5.00 3.96
C LEU A 185 19.99 6.24 4.34
N SER A 186 21.11 6.09 5.06
CA SER A 186 21.91 7.24 5.45
C SER A 186 22.46 7.99 4.25
N ALA A 187 22.55 7.34 3.08
CA ALA A 187 22.98 8.02 1.87
C ALA A 187 22.03 9.13 1.48
N PHE A 188 20.80 9.11 1.99
CA PHE A 188 19.81 10.12 1.65
C PHE A 188 19.53 11.07 2.80
N ARG A 189 20.39 11.09 3.82
CA ARG A 189 20.14 11.91 5.00
C ARG A 189 19.97 13.40 4.65
N ASP A 190 20.59 13.87 3.58
CA ASP A 190 20.43 15.25 3.12
C ASP A 190 19.66 15.35 1.81
N GLU A 191 19.01 14.27 1.38
CA GLU A 191 18.23 14.27 0.15
C GLU A 191 16.78 14.64 0.45
N THR A 192 16.10 15.19 -0.55
CA THR A 192 14.67 15.47 -0.43
C THR A 192 13.86 14.20 -0.65
N PHE A 193 12.96 13.89 0.29
CA PHE A 193 12.03 12.77 0.14
C PHE A 193 10.69 13.31 -0.36
N LEU A 194 10.17 12.68 -1.41
CA LEU A 194 8.81 12.92 -1.85
C LEU A 194 7.90 11.89 -1.21
N LEU A 195 6.67 12.30 -0.88
CA LEU A 195 5.75 11.39 -0.23
C LEU A 195 4.33 11.77 -0.61
N PHE A 196 3.38 10.95 -0.19
CA PHE A 196 1.97 11.28 -0.26
C PHE A 196 1.54 11.92 1.06
N PRO A 197 0.42 12.64 1.08
CA PRO A 197 -0.01 13.30 2.32
C PRO A 197 -0.32 12.29 3.41
N ARG A 198 0.26 12.53 4.60
CA ARG A 198 0.16 11.59 5.71
C ARG A 198 -1.27 11.20 6.04
N GLU A 199 -2.22 12.15 5.93
CA GLU A 199 -3.57 11.92 6.41
C GLU A 199 -4.28 10.78 5.69
N ILE A 200 -3.87 10.44 4.46
CA ILE A 200 -4.55 9.39 3.72
C ILE A 200 -4.14 7.99 4.16
N GLY A 201 -3.01 7.85 4.85
CA GLY A 201 -2.46 6.55 5.20
C GLY A 201 -1.38 6.74 6.24
N LEU A 202 -1.79 6.89 7.50
CA LEU A 202 -0.84 7.29 8.53
C LEU A 202 0.22 6.23 8.76
N THR A 203 -0.19 4.95 8.74
CA THR A 203 0.74 3.88 9.09
C THR A 203 1.87 3.78 8.09
N LEU A 204 1.54 3.72 6.79
CA LEU A 204 2.59 3.63 5.78
C LEU A 204 3.46 4.88 5.79
N TYR A 205 2.85 6.06 5.86
CA TYR A 205 3.62 7.31 5.94
C TYR A 205 4.59 7.27 7.11
N ASP A 206 4.08 6.93 8.30
CA ASP A 206 4.92 6.92 9.50
C ASP A 206 6.03 5.89 9.41
N SER A 207 5.78 4.77 8.73
CA SER A 207 6.83 3.76 8.59
C SER A 207 7.95 4.25 7.70
N VAL A 208 7.65 5.13 6.74
CA VAL A 208 8.72 5.74 5.95
C VAL A 208 9.55 6.67 6.81
N ILE A 209 8.89 7.50 7.61
CA ILE A 209 9.62 8.44 8.47
C ILE A 209 10.49 7.68 9.47
N GLU A 210 9.91 6.65 10.11
CA GLU A 210 10.67 5.92 11.12
C GLU A 210 11.86 5.18 10.50
N SER A 211 11.71 4.65 9.28
CA SER A 211 12.84 4.04 8.57
C SER A 211 14.02 5.00 8.52
N CYS A 212 13.76 6.26 8.16
CA CYS A 212 14.82 7.26 8.12
C CYS A 212 15.35 7.54 9.52
N ARG A 213 14.46 7.60 10.52
CA ARG A 213 14.89 7.81 11.89
C ARG A 213 15.76 6.65 12.38
N THR A 214 15.39 5.41 12.04
CA THR A 214 16.21 4.26 12.39
C THR A 214 17.58 4.34 11.73
N ALA A 215 17.66 4.97 10.56
CA ALA A 215 18.94 5.21 9.89
C ALA A 215 19.70 6.40 10.44
N GLY A 216 19.11 7.13 11.38
CA GLY A 216 19.82 8.19 12.08
C GLY A 216 19.59 9.60 11.59
N PHE A 217 18.52 9.86 10.83
CA PHE A 217 18.27 11.22 10.37
C PHE A 217 16.78 11.51 10.32
N GLU A 218 16.47 12.79 10.45
CA GLU A 218 15.12 13.28 10.20
C GLU A 218 15.01 13.61 8.71
N PRO A 219 14.10 12.99 7.98
CA PRO A 219 14.07 13.22 6.53
C PRO A 219 13.47 14.57 6.21
N THR A 220 14.00 15.21 5.18
CA THR A 220 13.42 16.42 4.64
C THR A 220 12.37 16.01 3.62
N ILE A 221 11.14 16.41 3.84
CA ILE A 221 10.03 16.05 2.97
C ILE A 221 9.78 17.22 2.02
N GLY A 222 9.84 16.94 0.73
CA GLY A 222 9.55 17.96 -0.26
C GLY A 222 8.13 17.90 -0.77
N GLN A 223 8.00 17.98 -2.09
CA GLN A 223 6.69 17.99 -2.73
C GLN A 223 5.88 16.76 -2.39
N LEU A 224 4.64 16.99 -1.96
CA LEU A 224 3.69 15.90 -1.75
C LEU A 224 2.91 15.67 -3.04
N ALA A 225 2.69 14.40 -3.36
CA ALA A 225 1.85 14.05 -4.48
C ALA A 225 0.79 13.06 -4.02
N PRO A 226 -0.33 12.94 -4.76
CA PRO A 226 -1.52 12.30 -4.15
C PRO A 226 -1.36 10.82 -3.85
N GLN A 227 -0.70 10.09 -4.75
CA GLN A 227 -0.54 8.64 -4.60
C GLN A 227 0.92 8.24 -4.81
N ILE A 228 1.25 7.00 -4.49
CA ILE A 228 2.65 6.57 -4.65
C ILE A 228 3.02 6.59 -6.14
N ALA A 229 2.12 6.19 -7.01
CA ALA A 229 2.45 6.28 -8.44
C ALA A 229 2.75 7.73 -8.85
N SER A 230 1.97 8.69 -8.34
CA SER A 230 2.24 10.12 -8.62
C SER A 230 3.64 10.51 -8.12
N VAL A 231 3.97 10.07 -6.92
CA VAL A 231 5.32 10.33 -6.35
C VAL A 231 6.40 9.76 -7.27
N ILE A 232 6.22 8.54 -7.75
CA ILE A 232 7.25 7.92 -8.62
C ILE A 232 7.46 8.77 -9.88
N ASN A 233 6.37 9.27 -10.44
CA ASN A 233 6.52 10.10 -11.63
C ASN A 233 7.29 11.38 -11.33
N LEU A 234 7.13 11.95 -10.12
CA LEU A 234 7.92 13.13 -9.77
C LEU A 234 9.37 12.78 -9.49
N VAL A 235 9.64 11.57 -9.00
CA VAL A 235 11.00 11.10 -8.84
C VAL A 235 11.70 11.05 -10.19
N ALA A 236 10.99 10.63 -11.24
CA ALA A 236 11.56 10.66 -12.59
C ALA A 236 12.04 12.05 -12.97
N ALA A 237 11.32 13.09 -12.52
CA ALA A 237 11.74 14.48 -12.75
C ALA A 237 12.76 14.97 -11.73
N GLU A 238 13.41 14.05 -11.02
CA GLU A 238 14.56 14.35 -10.16
C GLU A 238 14.19 15.26 -8.99
N MET A 239 12.94 15.20 -8.53
CA MET A 239 12.52 16.08 -7.44
C MET A 239 12.89 15.54 -6.07
N GLY A 240 13.32 14.29 -6.01
CA GLY A 240 13.75 13.68 -4.77
C GLY A 240 13.72 12.17 -4.90
N VAL A 241 13.68 11.51 -3.76
CA VAL A 241 13.59 10.06 -3.67
C VAL A 241 12.38 9.71 -2.84
N SER A 242 12.02 8.42 -2.83
CA SER A 242 10.95 7.98 -1.94
C SER A 242 11.21 6.53 -1.53
N ILE A 243 10.34 6.04 -0.65
CA ILE A 243 10.38 4.66 -0.20
C ILE A 243 8.99 4.08 -0.44
N VAL A 244 8.94 2.92 -1.09
CA VAL A 244 7.68 2.39 -1.63
C VAL A 244 7.61 0.90 -1.35
N PRO A 245 6.39 0.34 -1.31
CA PRO A 245 6.25 -1.12 -1.28
C PRO A 245 6.96 -1.74 -2.48
N ALA A 246 7.64 -2.86 -2.24
CA ALA A 246 8.45 -3.50 -3.28
C ALA A 246 7.69 -3.74 -4.57
N SER A 247 6.40 -4.10 -4.48
CA SER A 247 5.63 -4.36 -5.70
C SER A 247 5.46 -3.12 -6.57
N MET A 248 5.67 -1.91 -6.02
CA MET A 248 5.65 -0.74 -6.89
C MET A 248 6.83 -0.69 -7.84
N SER A 249 7.81 -1.59 -7.68
CA SER A 249 8.92 -1.67 -8.64
C SER A 249 8.47 -2.13 -10.02
N GLN A 250 7.23 -2.60 -10.15
CA GLN A 250 6.64 -2.83 -11.45
C GLN A 250 6.36 -1.53 -12.20
N VAL A 251 6.38 -0.40 -11.51
CA VAL A 251 6.00 0.89 -12.12
C VAL A 251 7.28 1.47 -12.69
N LYS A 252 7.62 1.02 -13.89
CA LYS A 252 8.90 1.32 -14.53
C LYS A 252 8.81 2.63 -15.32
N VAL A 253 8.51 3.70 -14.60
CA VAL A 253 8.55 5.02 -15.23
C VAL A 253 9.94 5.25 -15.77
N ILE A 254 10.02 5.77 -17.01
CA ILE A 254 11.32 6.00 -17.63
C ILE A 254 12.13 6.95 -16.77
N GLY A 255 13.36 6.53 -16.43
CA GLY A 255 14.24 7.38 -15.67
C GLY A 255 14.25 7.16 -14.17
N VAL A 256 13.54 6.15 -13.65
CA VAL A 256 13.61 5.79 -12.24
C VAL A 256 14.22 4.42 -12.10
N VAL A 257 14.83 4.18 -10.94
CA VAL A 257 15.30 2.85 -10.56
C VAL A 257 14.84 2.54 -9.14
N TYR A 258 14.68 1.25 -8.87
CA TYR A 258 14.31 0.74 -7.55
C TYR A 258 15.47 -0.08 -6.99
N ARG A 259 15.77 0.13 -5.70
CA ARG A 259 16.84 -0.60 -5.03
C ARG A 259 16.36 -1.10 -3.68
N HIS A 260 16.81 -2.30 -3.31
CA HIS A 260 16.53 -2.79 -1.97
C HIS A 260 17.36 -2.01 -0.95
N ILE A 261 16.85 -1.96 0.27
CA ILE A 261 17.44 -1.17 1.35
C ILE A 261 18.31 -2.07 2.20
N ALA A 262 19.56 -1.65 2.41
CA ALA A 262 20.49 -2.46 3.20
C ALA A 262 20.12 -2.47 4.68
N ASP A 263 19.42 -1.44 5.15
CA ASP A 263 19.05 -1.37 6.55
C ASP A 263 17.79 -2.18 6.87
N GLN A 264 17.63 -2.42 8.16
CA GLN A 264 16.32 -2.48 8.82
C GLN A 264 15.38 -3.57 8.33
N THR A 265 15.18 -3.65 7.02
CA THR A 265 14.07 -4.35 6.37
C THR A 265 12.74 -3.74 6.79
N PRO A 266 12.46 -2.51 6.35
CA PRO A 266 11.14 -1.92 6.57
C PRO A 266 10.14 -2.62 5.68
N THR A 267 8.95 -2.92 6.21
CA THR A 267 7.95 -3.67 5.45
C THR A 267 6.62 -2.94 5.36
N ALA A 268 6.03 -3.04 4.18
CA ALA A 268 4.69 -2.57 3.91
C ALA A 268 3.74 -3.76 4.03
N LYS A 269 2.61 -3.53 4.69
CA LYS A 269 1.71 -4.60 5.08
C LYS A 269 0.34 -4.38 4.45
N LEU A 270 -0.28 -5.48 4.03
CA LEU A 270 -1.62 -5.47 3.45
C LEU A 270 -2.48 -6.49 4.19
N ALA A 271 -3.63 -6.05 4.68
CA ALA A 271 -4.56 -6.93 5.36
C ALA A 271 -5.94 -6.81 4.73
N LEU A 272 -6.70 -7.90 4.81
CA LEU A 272 -8.12 -7.89 4.44
C LEU A 272 -8.90 -7.44 5.67
N ALA A 273 -9.73 -6.41 5.49
CA ALA A 273 -10.46 -5.81 6.58
C ALA A 273 -11.96 -5.87 6.32
N TYR A 274 -12.72 -6.13 7.38
CA TYR A 274 -14.18 -6.18 7.27
C TYR A 274 -14.75 -6.02 8.66
N ARG A 275 -16.05 -5.77 8.72
CA ARG A 275 -16.69 -5.44 9.98
C ARG A 275 -16.83 -6.66 10.88
N ARG A 276 -16.71 -6.42 12.19
CA ARG A 276 -17.06 -7.43 13.18
C ARG A 276 -18.57 -7.59 13.23
N GLY A 277 -19.02 -8.83 13.39
CA GLY A 277 -20.45 -9.10 13.45
C GLY A 277 -21.22 -8.78 12.19
N ASP A 278 -20.56 -8.71 11.05
CA ASP A 278 -21.24 -8.66 9.76
C ASP A 278 -21.34 -10.11 9.30
N THR A 279 -22.52 -10.71 9.43
CA THR A 279 -22.70 -12.13 9.14
C THR A 279 -23.19 -12.40 7.73
N SER A 280 -23.06 -11.42 6.83
CA SER A 280 -23.54 -11.58 5.46
C SER A 280 -22.87 -12.79 4.81
N PRO A 281 -23.64 -13.69 4.20
CA PRO A 281 -23.01 -14.86 3.56
C PRO A 281 -22.17 -14.49 2.36
N VAL A 282 -22.47 -13.39 1.67
CA VAL A 282 -21.63 -12.98 0.53
C VAL A 282 -20.25 -12.59 1.03
N LEU A 283 -20.19 -11.78 2.09
CA LEU A 283 -18.90 -11.40 2.67
C LEU A 283 -18.13 -12.62 3.13
N ARG A 284 -18.82 -13.54 3.82
CA ARG A 284 -18.18 -14.78 4.24
C ARG A 284 -17.57 -15.52 3.06
N ASN A 285 -18.32 -15.64 1.97
CA ASN A 285 -17.81 -16.31 0.78
C ASN A 285 -16.57 -15.63 0.23
N PHE A 286 -16.53 -14.30 0.27
CA PHE A 286 -15.34 -13.60 -0.18
C PHE A 286 -14.16 -13.88 0.74
N VAL A 287 -14.37 -13.77 2.06
CA VAL A 287 -13.27 -13.96 2.99
C VAL A 287 -12.69 -15.36 2.86
N LEU A 288 -13.56 -16.37 2.72
CA LEU A 288 -13.10 -17.75 2.56
C LEU A 288 -12.49 -18.01 1.20
N THR A 289 -12.79 -17.18 0.20
CA THR A 289 -12.08 -17.29 -1.07
C THR A 289 -10.65 -16.78 -0.94
N VAL A 290 -10.48 -15.70 -0.17
CA VAL A 290 -9.16 -15.10 0.01
C VAL A 290 -8.30 -15.96 0.93
N PHE A 291 -8.93 -16.68 1.85
CA PHE A 291 -8.24 -17.55 2.81
C PHE A 291 -8.87 -18.93 2.74
N PRO A 292 -8.54 -19.73 1.71
CA PRO A 292 -9.14 -21.06 1.59
C PRO A 292 -8.62 -22.01 2.66
C1 ITN B . -2.48 3.86 2.36
C2 ITN B . -1.09 4.35 1.97
C3 ITN B . -0.96 4.48 0.46
C5 ITN B . -1.20 3.24 -0.39
O3 ITN B . -1.35 2.12 0.17
O4 ITN B . -1.22 3.37 -1.64
C4 ITN B . -0.57 5.63 -0.07
O1 ITN B . -3.49 4.16 1.66
O2 ITN B . -2.58 3.12 3.37
S SO4 C . 19.01 -4.49 -5.51
O1 SO4 C . 19.90 -4.48 -6.66
O2 SO4 C . 18.83 -3.13 -5.02
O3 SO4 C . 19.57 -5.31 -4.45
O4 SO4 C . 17.71 -4.99 -5.93
#